data_2D1T
#
_entry.id   2D1T
#
_cell.length_a   57.468
_cell.length_b   181.174
_cell.length_c   52.239
_cell.angle_alpha   90.00
_cell.angle_beta   90.00
_cell.angle_gamma   90.00
#
_symmetry.space_group_name_H-M   'P 21 21 21'
#
loop_
_entity.id
_entity.type
_entity.pdbx_description
1 polymer 'Luciferin 4-monooxygenase'
2 non-polymer 'CHLORIDE ION'
3 non-polymer "5'-O-[N-(DEHYDROLUCIFERYL)-SULFAMOYL] ADENOSINE"
4 water water
#
_entity_poly.entity_id   1
_entity_poly.type   'polypeptide(L)'
_entity_poly.pdbx_seq_one_letter_code
;MENMENDENIVVGPKPFYPIEEGSAGTQLRKYMERYAKLGAIAFTNAVTGVDYSYAEYLEKSC(CSO)LGKALQNYGLVV
DGRIALCSENCEEFFIPVIAGLFIGVGVAPTNEIYTLRELVHSLGISKPTIVFSSKKGLDKVITVQKTVTTIKTIVILDS
KVDYRGYQCLDTFIKRNTPPGYQASSFKTVEVDRKEQVALIMNSSGSTGLPKGVQLTHENIVTRFSHARDPIYGNQVSPG
TAVLTVVPFHHGFGMFTTLGYLICGFRVVMLTKFDEETFLKTLQDYKCTNVILVPTLFAILNKSELLNKYDLSNLVEIAS
GGAPLSKEVGEAVARRFNLPGVRQGYGLTETTSAIIITPEGDDKPGASGKVVPLFKAKVIDLDTKKSLGPNRRGEVCVKG
PMLMKGYVNNPEATKELIDEEGWLHTGDIGYYDEEKHFFIVDRLKSLIKYKGYQVPPAELESVLLQHPSIFDAGVAGVPD
PVAGELPGAVVVLESGKNMTEKEVMDYVASQVSNAKRLRGGVRFVDEVPKGLTGKIDGRAIREILKKPVAKM
;
_entity_poly.pdbx_strand_id   A
#
# COMPACT_ATOMS: atom_id res chain seq x y z
N ASP A 7 25.63 -17.67 -8.45
CA ASP A 7 25.67 -17.31 -7.01
C ASP A 7 24.50 -17.93 -6.27
N GLU A 8 24.82 -18.92 -5.43
CA GLU A 8 23.82 -19.66 -4.66
C GLU A 8 23.12 -18.81 -3.59
N ASN A 9 23.65 -17.62 -3.34
CA ASN A 9 23.03 -16.67 -2.41
C ASN A 9 21.84 -15.94 -3.00
N ILE A 10 21.70 -15.95 -4.33
CA ILE A 10 20.52 -15.38 -4.97
C ILE A 10 19.32 -16.32 -4.84
N VAL A 11 18.20 -15.78 -4.38
CA VAL A 11 16.99 -16.55 -4.22
C VAL A 11 16.07 -16.27 -5.41
N VAL A 12 15.69 -17.32 -6.12
CA VAL A 12 14.94 -17.18 -7.37
C VAL A 12 13.51 -17.67 -7.16
N GLY A 13 12.53 -16.82 -7.42
CA GLY A 13 11.13 -17.20 -7.33
C GLY A 13 10.75 -18.27 -8.35
N PRO A 14 9.68 -19.01 -8.07
CA PRO A 14 9.25 -20.08 -8.98
C PRO A 14 8.51 -19.55 -10.21
N LYS A 15 8.06 -20.47 -11.07
CA LYS A 15 7.23 -20.08 -12.19
C LYS A 15 5.80 -19.87 -11.70
N PRO A 16 5.11 -18.88 -12.25
CA PRO A 16 3.72 -18.60 -11.84
C PRO A 16 2.77 -19.70 -12.32
N PHE A 17 1.72 -20.01 -11.56
CA PHE A 17 0.74 -20.97 -12.06
C PHE A 17 0.12 -20.48 -13.35
N TYR A 18 -0.25 -19.20 -13.37
CA TYR A 18 -0.84 -18.58 -14.54
C TYR A 18 0.20 -17.71 -15.22
N PRO A 19 0.65 -18.09 -16.41
CA PRO A 19 1.58 -17.22 -17.16
C PRO A 19 0.97 -15.85 -17.39
N ILE A 20 1.84 -14.85 -17.54
CA ILE A 20 1.39 -13.51 -17.87
C ILE A 20 0.60 -13.56 -19.19
N GLU A 21 -0.58 -12.95 -19.20
CA GLU A 21 -1.42 -13.01 -20.39
C GLU A 21 -0.99 -11.98 -21.41
N GLU A 22 -1.39 -12.18 -22.66
CA GLU A 22 -1.20 -11.17 -23.69
C GLU A 22 -2.09 -9.95 -23.46
N GLY A 23 -1.70 -8.82 -24.05
CA GLY A 23 -2.52 -7.62 -24.03
C GLY A 23 -2.12 -6.68 -22.91
N SER A 24 -2.57 -5.44 -23.03
CA SER A 24 -2.27 -4.42 -22.02
C SER A 24 -2.96 -4.71 -20.68
N ALA A 25 -2.60 -3.94 -19.65
CA ALA A 25 -3.30 -4.10 -18.38
C ALA A 25 -4.78 -3.71 -18.52
N GLY A 26 -5.05 -2.76 -19.40
CA GLY A 26 -6.43 -2.36 -19.71
C GLY A 26 -7.19 -3.51 -20.38
N THR A 27 -6.57 -4.14 -21.37
CA THR A 27 -7.23 -5.26 -22.03
C THR A 27 -7.51 -6.41 -21.04
N GLN A 28 -6.57 -6.67 -20.14
CA GLN A 28 -6.80 -7.75 -19.17
C GLN A 28 -7.91 -7.42 -18.20
N LEU A 29 -7.92 -6.19 -17.68
CA LEU A 29 -9.01 -5.79 -16.81
C LEU A 29 -10.36 -5.85 -17.52
N ARG A 30 -10.42 -5.43 -18.78
CA ARG A 30 -11.68 -5.45 -19.51
C ARG A 30 -12.19 -6.88 -19.66
N LYS A 31 -11.28 -7.80 -20.02
CA LYS A 31 -11.62 -9.20 -20.22
C LYS A 31 -12.24 -9.78 -18.95
N TYR A 32 -11.57 -9.61 -17.82
CA TYR A 32 -12.06 -10.19 -16.56
C TYR A 32 -13.27 -9.47 -16.04
N MET A 33 -13.26 -8.14 -16.09
CA MET A 33 -14.43 -7.40 -15.60
C MET A 33 -15.67 -7.76 -16.39
N GLU A 34 -15.54 -7.99 -17.69
CA GLU A 34 -16.70 -8.38 -18.51
C GLU A 34 -17.23 -9.75 -18.12
N ARG A 35 -16.34 -10.69 -17.80
CA ARG A 35 -16.78 -11.98 -17.28
C ARG A 35 -17.64 -11.81 -16.03
N TYR A 36 -17.13 -11.06 -15.06
CA TYR A 36 -17.87 -10.94 -13.80
C TYR A 36 -19.12 -10.06 -13.93
N ALA A 37 -19.07 -9.11 -14.86
CA ALA A 37 -20.26 -8.31 -15.20
C ALA A 37 -21.42 -9.20 -15.69
N LYS A 38 -21.12 -10.11 -16.61
CA LYS A 38 -22.12 -10.99 -17.21
C LYS A 38 -22.62 -12.01 -16.18
N LEU A 39 -21.74 -12.36 -15.25
CA LEU A 39 -22.11 -13.20 -14.13
C LEU A 39 -23.10 -12.50 -13.19
N GLY A 40 -23.04 -11.16 -13.12
CA GLY A 40 -23.89 -10.39 -12.24
C GLY A 40 -23.34 -10.03 -10.87
N ALA A 41 -22.02 -10.04 -10.78
CA ALA A 41 -21.33 -9.90 -9.52
C ALA A 41 -21.15 -8.44 -9.10
N ILE A 42 -20.92 -8.23 -7.80
CA ILE A 42 -20.67 -6.91 -7.23
C ILE A 42 -19.16 -6.69 -7.16
N ALA A 43 -18.72 -5.52 -7.67
CA ALA A 43 -17.31 -5.16 -7.69
C ALA A 43 -16.88 -4.35 -6.48
N PHE A 44 -17.64 -3.31 -6.15
CA PHE A 44 -17.27 -2.41 -5.05
C PHE A 44 -18.42 -2.18 -4.11
N THR A 45 -18.10 -2.13 -2.82
CA THR A 45 -19.10 -1.88 -1.79
C THR A 45 -18.51 -0.90 -0.81
N ASN A 46 -19.26 0.13 -0.51
CA ASN A 46 -18.87 1.04 0.56
C ASN A 46 -19.40 0.43 1.86
N ALA A 47 -18.50 -0.02 2.73
CA ALA A 47 -18.93 -0.74 3.93
C ALA A 47 -19.83 0.11 4.84
N VAL A 48 -19.59 1.40 4.88
CA VAL A 48 -20.28 2.28 5.81
C VAL A 48 -21.66 2.70 5.32
N THR A 49 -21.79 2.95 4.01
CA THR A 49 -23.07 3.40 3.47
C THR A 49 -23.88 2.27 2.88
N GLY A 50 -23.21 1.17 2.53
CA GLY A 50 -23.84 0.03 1.91
C GLY A 50 -24.03 0.15 0.40
N VAL A 51 -23.54 1.24 -0.20
CA VAL A 51 -23.65 1.39 -1.66
C VAL A 51 -22.87 0.30 -2.39
N ASP A 52 -23.46 -0.30 -3.43
CA ASP A 52 -22.79 -1.27 -4.28
C ASP A 52 -22.64 -0.72 -5.70
N TYR A 53 -21.50 -1.04 -6.34
CA TYR A 53 -21.38 -0.96 -7.79
C TYR A 53 -21.15 -2.37 -8.32
N SER A 54 -22.00 -2.80 -9.25
CA SER A 54 -21.77 -4.09 -9.86
C SER A 54 -20.59 -4.01 -10.83
N TYR A 55 -20.02 -5.17 -11.16
CA TYR A 55 -19.02 -5.20 -12.23
C TYR A 55 -19.54 -4.59 -13.52
N ALA A 56 -20.80 -4.87 -13.86
CA ALA A 56 -21.37 -4.34 -15.08
C ALA A 56 -21.34 -2.81 -15.04
N GLU A 57 -21.78 -2.20 -13.94
CA GLU A 57 -21.77 -0.73 -13.85
C GLU A 57 -20.36 -0.16 -13.88
N TYR A 58 -19.44 -0.79 -13.14
CA TYR A 58 -18.09 -0.29 -13.09
C TYR A 58 -17.41 -0.37 -14.45
N LEU A 59 -17.64 -1.48 -15.14
CA LEU A 59 -17.07 -1.64 -16.47
C LEU A 59 -17.65 -0.64 -17.45
N GLU A 60 -18.98 -0.49 -17.43
CA GLU A 60 -19.62 0.44 -18.35
C GLU A 60 -19.10 1.86 -18.16
N LYS A 61 -19.03 2.33 -16.90
CA LYS A 61 -18.59 3.69 -16.61
C LYS A 61 -17.11 3.86 -16.99
N SER A 62 -16.30 2.84 -16.77
CA SER A 62 -14.89 2.90 -17.16
C SER A 62 -14.71 3.01 -18.68
N CYS A 63 -15.49 2.23 -19.43
CA CYS A 63 -15.47 2.31 -20.89
C CYS A 63 -15.93 3.68 -21.37
N LEU A 65 -15.95 6.50 -19.73
CA LEU A 65 -14.97 7.52 -19.39
C LEU A 65 -13.77 7.45 -20.32
N GLY A 66 -13.34 6.23 -20.68
CA GLY A 66 -12.27 6.09 -21.65
C GLY A 66 -12.57 6.82 -22.95
N LYS A 67 -13.75 6.59 -23.50
CA LYS A 67 -14.17 7.26 -24.71
C LYS A 67 -14.25 8.78 -24.49
N ALA A 68 -14.79 9.19 -23.36
CA ALA A 68 -14.91 10.61 -23.03
C ALA A 68 -13.54 11.29 -23.01
N LEU A 69 -12.53 10.62 -22.47
CA LEU A 69 -11.18 11.19 -22.41
C LEU A 69 -10.55 11.34 -23.79
N GLN A 70 -10.83 10.39 -24.67
CA GLN A 70 -10.39 10.47 -26.06
C GLN A 70 -11.10 11.62 -26.77
N ASN A 71 -12.42 11.71 -26.60
CA ASN A 71 -13.18 12.76 -27.27
C ASN A 71 -12.76 14.17 -26.75
N TYR A 72 -12.33 14.23 -25.49
CA TYR A 72 -11.81 15.45 -24.89
C TYR A 72 -10.52 15.88 -25.57
N GLY A 73 -9.80 14.93 -26.14
CA GLY A 73 -8.58 15.21 -26.88
C GLY A 73 -7.31 14.61 -26.31
N LEU A 74 -7.42 13.82 -25.24
CA LEU A 74 -6.22 13.17 -24.70
C LEU A 74 -5.70 12.11 -25.66
N VAL A 75 -4.38 12.08 -25.83
CA VAL A 75 -3.74 11.10 -26.71
C VAL A 75 -2.99 10.08 -25.86
N VAL A 76 -2.58 8.97 -26.48
CA VAL A 76 -1.73 7.98 -25.82
C VAL A 76 -0.52 8.68 -25.20
N ASP A 77 -0.21 8.29 -23.96
CA ASP A 77 0.83 8.88 -23.12
C ASP A 77 0.51 10.26 -22.58
N GLY A 78 -0.74 10.70 -22.71
CA GLY A 78 -1.20 11.85 -21.95
C GLY A 78 -1.27 11.53 -20.47
N ARG A 79 -1.81 12.46 -19.67
CA ARG A 79 -1.80 12.32 -18.22
C ARG A 79 -3.09 12.83 -17.62
N ILE A 80 -3.65 12.05 -16.70
CA ILE A 80 -4.73 12.51 -15.81
C ILE A 80 -4.31 12.19 -14.36
N ALA A 81 -5.02 12.74 -13.39
CA ALA A 81 -4.76 12.45 -11.98
C ALA A 81 -6.04 12.27 -11.22
N LEU A 82 -5.92 11.65 -10.04
CA LEU A 82 -6.97 11.66 -9.03
C LEU A 82 -6.44 12.40 -7.83
N CYS A 83 -7.33 13.07 -7.12
CA CYS A 83 -7.02 13.51 -5.75
C CYS A 83 -8.22 13.19 -4.90
N SER A 84 -8.16 12.08 -4.20
CA SER A 84 -9.32 11.61 -3.45
C SER A 84 -8.91 10.66 -2.33
N GLU A 85 -9.63 10.80 -1.21
CA GLU A 85 -9.66 9.77 -0.20
C GLU A 85 -10.30 8.53 -0.79
N ASN A 86 -10.20 7.39 -0.11
CA ASN A 86 -10.88 6.20 -0.63
C ASN A 86 -12.36 6.45 -0.81
N CYS A 87 -12.84 6.12 -2.01
CA CYS A 87 -14.28 6.12 -2.29
C CYS A 87 -14.52 5.04 -3.33
N GLU A 88 -15.76 4.59 -3.43
CA GLU A 88 -16.04 3.46 -4.31
C GLU A 88 -15.84 3.79 -5.78
N GLU A 89 -15.85 5.08 -6.14
CA GLU A 89 -15.62 5.51 -7.53
C GLU A 89 -14.15 5.61 -7.91
N PHE A 90 -13.26 5.41 -6.94
CA PHE A 90 -11.84 5.76 -7.17
C PHE A 90 -11.23 5.15 -8.41
N PHE A 91 -11.57 3.89 -8.70
CA PHE A 91 -10.89 3.19 -9.78
C PHE A 91 -11.47 3.44 -11.15
N ILE A 92 -12.57 4.20 -11.26
CA ILE A 92 -13.10 4.47 -12.59
C ILE A 92 -12.09 5.25 -13.49
N PRO A 93 -11.51 6.36 -13.02
CA PRO A 93 -10.49 7.02 -13.84
C PRO A 93 -9.21 6.18 -14.01
N VAL A 94 -8.88 5.34 -13.03
CA VAL A 94 -7.70 4.49 -13.14
C VAL A 94 -7.91 3.51 -14.31
N ILE A 95 -9.05 2.83 -14.29
CA ILE A 95 -9.33 1.80 -15.29
C ILE A 95 -9.50 2.44 -16.67
N ALA A 96 -10.21 3.57 -16.72
CA ALA A 96 -10.37 4.30 -17.98
C ALA A 96 -9.01 4.68 -18.58
N GLY A 97 -8.10 5.20 -17.74
CA GLY A 97 -6.77 5.51 -18.23
C GLY A 97 -6.04 4.30 -18.79
N LEU A 98 -6.10 3.18 -18.06
CA LEU A 98 -5.46 1.96 -18.51
C LEU A 98 -6.06 1.45 -19.83
N PHE A 99 -7.37 1.64 -20.00
CA PHE A 99 -8.06 1.22 -21.23
C PHE A 99 -7.61 2.01 -22.45
N ILE A 100 -7.15 3.24 -22.27
CA ILE A 100 -6.84 4.12 -23.42
C ILE A 100 -5.39 4.53 -23.58
N GLY A 101 -4.53 4.07 -22.68
CA GLY A 101 -3.11 4.38 -22.76
C GLY A 101 -2.77 5.77 -22.27
N VAL A 102 -3.58 6.32 -21.37
CA VAL A 102 -3.32 7.62 -20.76
C VAL A 102 -2.85 7.36 -19.35
N GLY A 103 -1.67 7.85 -19.01
CA GLY A 103 -1.06 7.64 -17.70
C GLY A 103 -1.90 8.27 -16.60
N VAL A 104 -2.04 7.57 -15.47
CA VAL A 104 -2.86 8.05 -14.35
C VAL A 104 -1.99 8.25 -13.12
N ALA A 105 -2.13 9.43 -12.51
CA ALA A 105 -1.36 9.81 -11.33
C ALA A 105 -2.28 9.91 -10.10
N PRO A 106 -2.36 8.86 -9.29
CA PRO A 106 -3.22 8.92 -8.11
C PRO A 106 -2.61 9.65 -6.94
N THR A 107 -3.42 10.49 -6.29
CA THR A 107 -3.04 11.13 -5.04
C THR A 107 -4.24 11.09 -4.11
N ASN A 108 -3.99 11.41 -2.84
CA ASN A 108 -5.01 11.34 -1.80
C ASN A 108 -5.31 12.74 -1.30
N GLU A 109 -6.56 12.96 -0.89
CA GLU A 109 -6.95 14.24 -0.29
C GLU A 109 -6.11 14.57 0.94
N ILE A 110 -5.63 13.55 1.65
CA ILE A 110 -4.86 13.77 2.87
C ILE A 110 -3.44 14.32 2.64
N TYR A 111 -2.98 14.37 1.40
CA TYR A 111 -1.70 15.02 1.11
C TYR A 111 -1.74 16.44 1.66
N THR A 112 -0.62 16.90 2.21
CA THR A 112 -0.54 18.34 2.47
C THR A 112 -0.46 19.06 1.13
N LEU A 113 -0.76 20.36 1.15
CA LEU A 113 -0.59 21.17 -0.04
C LEU A 113 0.86 21.18 -0.57
N ARG A 114 1.85 21.16 0.32
CA ARG A 114 3.25 21.09 -0.15
C ARG A 114 3.47 19.78 -0.92
N GLU A 115 2.92 18.69 -0.39
CA GLU A 115 3.05 17.39 -1.05
C GLU A 115 2.29 17.33 -2.36
N LEU A 116 1.08 17.88 -2.38
CA LEU A 116 0.23 17.78 -3.54
C LEU A 116 0.71 18.67 -4.67
N VAL A 117 1.12 19.89 -4.34
CA VAL A 117 1.63 20.77 -5.38
C VAL A 117 2.89 20.20 -6.03
N HIS A 118 3.74 19.58 -5.22
CA HIS A 118 4.93 18.94 -5.74
C HIS A 118 4.57 17.73 -6.63
N SER A 119 3.72 16.86 -6.08
CA SER A 119 3.35 15.63 -6.79
C SER A 119 2.71 15.89 -8.15
N LEU A 120 1.70 16.77 -8.17
CA LEU A 120 1.00 17.05 -9.41
C LEU A 120 1.86 17.92 -10.34
N GLY A 121 2.78 18.68 -9.76
CA GLY A 121 3.76 19.42 -10.53
C GLY A 121 4.69 18.50 -11.32
N ILE A 122 4.94 17.31 -10.80
CA ILE A 122 5.79 16.32 -11.47
C ILE A 122 4.95 15.57 -12.52
N SER A 123 3.76 15.11 -12.16
CA SER A 123 3.00 14.27 -13.10
C SER A 123 2.28 15.05 -14.20
N LYS A 124 2.00 16.33 -13.94
CA LYS A 124 1.41 17.24 -14.92
C LYS A 124 0.15 16.70 -15.59
N PRO A 125 -0.86 16.41 -14.79
CA PRO A 125 -2.15 15.96 -15.32
C PRO A 125 -2.92 17.06 -16.03
N THR A 126 -3.56 16.70 -17.14
CA THR A 126 -4.44 17.62 -17.85
C THR A 126 -5.75 17.79 -17.11
N ILE A 127 -6.26 16.67 -16.60
CA ILE A 127 -7.52 16.63 -15.86
C ILE A 127 -7.23 16.03 -14.49
N VAL A 128 -7.82 16.60 -13.45
CA VAL A 128 -7.79 16.00 -12.11
C VAL A 128 -9.19 15.61 -11.70
N PHE A 129 -9.36 14.34 -11.34
CA PHE A 129 -10.60 13.82 -10.80
C PHE A 129 -10.50 13.93 -9.29
N SER A 130 -11.20 14.92 -8.73
CA SER A 130 -11.09 15.28 -7.33
C SER A 130 -12.32 14.82 -6.59
N SER A 131 -12.14 14.37 -5.36
CA SER A 131 -13.33 14.19 -4.51
C SER A 131 -13.83 15.56 -4.10
N LYS A 132 -15.08 15.61 -3.64
CA LYS A 132 -15.58 16.85 -3.03
C LYS A 132 -14.63 17.35 -1.94
N LYS A 133 -14.18 16.45 -1.08
CA LYS A 133 -13.32 16.81 0.03
C LYS A 133 -11.97 17.39 -0.45
N GLY A 134 -11.45 16.86 -1.55
CA GLY A 134 -10.15 17.28 -2.06
C GLY A 134 -10.18 18.51 -2.93
N LEU A 135 -11.37 19.01 -3.25
CA LEU A 135 -11.52 20.05 -4.25
C LEU A 135 -10.73 21.32 -3.93
N ASP A 136 -10.84 21.80 -2.70
CA ASP A 136 -10.17 23.05 -2.38
C ASP A 136 -8.66 22.92 -2.59
N LYS A 137 -8.09 21.76 -2.23
CA LYS A 137 -6.64 21.56 -2.40
C LYS A 137 -6.28 21.52 -3.87
N VAL A 138 -7.12 20.85 -4.68
CA VAL A 138 -6.88 20.78 -6.13
C VAL A 138 -6.94 22.18 -6.77
N ILE A 139 -7.94 22.98 -6.39
CA ILE A 139 -8.04 24.35 -6.90
C ILE A 139 -6.80 25.14 -6.50
N THR A 140 -6.35 25.01 -5.26
CA THR A 140 -5.13 25.69 -4.84
C THR A 140 -3.93 25.25 -5.65
N VAL A 141 -3.76 23.94 -5.84
CA VAL A 141 -2.62 23.40 -6.59
C VAL A 141 -2.62 23.91 -8.03
N GLN A 142 -3.80 24.04 -8.61
CA GLN A 142 -3.96 24.53 -9.99
C GLN A 142 -3.40 25.97 -10.15
N LYS A 143 -3.37 26.76 -9.07
CA LYS A 143 -2.78 28.11 -9.13
C LYS A 143 -1.28 28.06 -9.41
N THR A 144 -0.61 26.99 -9.00
CA THR A 144 0.81 26.79 -9.28
C THR A 144 1.00 25.92 -10.52
N VAL A 145 0.31 24.78 -10.56
CA VAL A 145 0.41 23.85 -11.68
C VAL A 145 -0.67 24.26 -12.67
N THR A 146 -0.35 25.35 -13.39
CA THR A 146 -1.35 26.06 -14.20
C THR A 146 -1.74 25.29 -15.46
N THR A 147 -1.02 24.22 -15.76
CA THR A 147 -1.36 23.32 -16.86
C THR A 147 -2.55 22.36 -16.59
N ILE A 148 -3.05 22.32 -15.34
CA ILE A 148 -4.24 21.54 -15.06
C ILE A 148 -5.42 22.28 -15.68
N LYS A 149 -5.99 21.70 -16.74
CA LYS A 149 -7.04 22.35 -17.50
C LYS A 149 -8.41 22.20 -16.87
N THR A 150 -8.70 21.01 -16.35
CA THR A 150 -10.05 20.65 -15.92
C THR A 150 -10.02 19.89 -14.62
N ILE A 151 -10.99 20.20 -13.76
CA ILE A 151 -11.22 19.46 -12.52
C ILE A 151 -12.61 18.86 -12.60
N VAL A 152 -12.70 17.53 -12.40
CA VAL A 152 -13.95 16.78 -12.46
C VAL A 152 -14.25 16.19 -11.08
N ILE A 153 -15.50 16.31 -10.61
CA ILE A 153 -15.82 15.83 -9.27
C ILE A 153 -16.17 14.37 -9.26
N LEU A 154 -15.31 13.60 -8.59
CA LEU A 154 -15.34 12.14 -8.66
C LEU A 154 -16.53 11.45 -7.95
N ASP A 155 -16.85 11.96 -6.77
CA ASP A 155 -17.80 11.30 -5.86
C ASP A 155 -19.06 12.13 -5.65
N SER A 156 -19.58 12.69 -6.74
CA SER A 156 -20.85 13.37 -6.71
C SER A 156 -21.63 12.95 -7.93
N LYS A 157 -22.94 12.75 -7.77
CA LYS A 157 -23.79 12.40 -8.89
C LYS A 157 -24.34 13.64 -9.58
N VAL A 158 -24.07 14.81 -8.99
CA VAL A 158 -24.47 16.09 -9.57
C VAL A 158 -23.28 17.04 -9.64
N ASP A 159 -23.35 18.02 -10.53
CA ASP A 159 -22.31 19.05 -10.58
C ASP A 159 -22.20 19.72 -9.21
N TYR A 160 -20.98 20.16 -8.88
CA TYR A 160 -20.68 20.56 -7.52
C TYR A 160 -19.74 21.75 -7.52
N ARG A 161 -20.18 22.84 -6.88
CA ARG A 161 -19.40 24.07 -6.76
C ARG A 161 -18.91 24.60 -8.11
N GLY A 162 -19.70 24.39 -9.16
CA GLY A 162 -19.39 24.93 -10.47
C GLY A 162 -18.57 23.99 -11.33
N TYR A 163 -18.24 22.81 -10.80
CA TYR A 163 -17.44 21.83 -11.51
C TYR A 163 -18.32 20.67 -11.97
N GLN A 164 -18.02 20.14 -13.14
CA GLN A 164 -18.70 18.95 -13.63
C GLN A 164 -18.37 17.77 -12.73
N CYS A 165 -19.40 16.98 -12.43
CA CYS A 165 -19.21 15.68 -11.84
C CYS A 165 -18.84 14.66 -12.91
N LEU A 166 -18.40 13.49 -12.46
CA LEU A 166 -17.97 12.44 -13.36
C LEU A 166 -19.03 12.13 -14.43
N ASP A 167 -20.27 11.97 -14.01
CA ASP A 167 -21.34 11.62 -14.95
C ASP A 167 -21.56 12.70 -16.00
N THR A 168 -21.49 13.96 -15.57
CA THR A 168 -21.60 15.09 -16.49
C THR A 168 -20.45 15.12 -17.48
N PHE A 169 -19.23 14.95 -17.00
CA PHE A 169 -18.08 14.93 -17.89
C PHE A 169 -18.24 13.85 -18.95
N ILE A 170 -18.69 12.67 -18.52
CA ILE A 170 -18.91 11.59 -19.48
C ILE A 170 -20.00 11.96 -20.50
N LYS A 171 -21.14 12.45 -20.00
CA LYS A 171 -22.26 12.78 -20.88
C LYS A 171 -21.87 13.84 -21.91
N ARG A 172 -21.14 14.86 -21.48
CA ARG A 172 -20.74 15.97 -22.34
C ARG A 172 -19.67 15.60 -23.34
N ASN A 173 -19.01 14.45 -23.15
CA ASN A 173 -17.91 14.03 -24.00
C ASN A 173 -18.12 12.69 -24.70
N THR A 174 -19.36 12.21 -24.72
CA THR A 174 -19.68 10.99 -25.48
C THR A 174 -20.91 11.20 -26.36
N PRO A 175 -21.03 10.42 -27.45
CA PRO A 175 -22.26 10.42 -28.25
C PRO A 175 -23.46 9.98 -27.42
N PRO A 176 -24.60 10.66 -27.51
CA PRO A 176 -25.82 10.16 -26.87
C PRO A 176 -26.11 8.75 -27.36
N GLY A 177 -26.45 7.86 -26.44
CA GLY A 177 -26.65 6.46 -26.76
C GLY A 177 -25.37 5.68 -27.02
N TYR A 178 -24.23 6.26 -26.66
CA TYR A 178 -22.94 5.56 -26.80
C TYR A 178 -23.03 4.21 -26.10
N GLN A 179 -22.52 3.19 -26.78
CA GLN A 179 -22.53 1.84 -26.24
C GLN A 179 -21.13 1.46 -25.79
N ALA A 180 -20.98 1.25 -24.48
CA ALA A 180 -19.73 0.78 -23.89
C ALA A 180 -19.26 -0.53 -24.52
N SER A 181 -20.20 -1.40 -24.89
CA SER A 181 -19.85 -2.69 -25.49
C SER A 181 -19.06 -2.55 -26.80
N SER A 182 -19.21 -1.39 -27.46
CA SER A 182 -18.49 -1.09 -28.70
C SER A 182 -17.06 -0.60 -28.49
N PHE A 183 -16.78 -0.13 -27.28
CA PHE A 183 -15.49 0.47 -26.95
C PHE A 183 -14.35 -0.55 -27.04
N LYS A 184 -13.24 -0.12 -27.62
CA LYS A 184 -12.07 -0.95 -27.76
C LYS A 184 -10.95 -0.45 -26.87
N THR A 185 -10.36 -1.36 -26.09
CA THR A 185 -9.14 -1.01 -25.37
C THR A 185 -7.98 -0.80 -26.35
N VAL A 186 -7.05 0.05 -25.94
CA VAL A 186 -5.97 0.48 -26.79
C VAL A 186 -4.70 -0.30 -26.43
N GLU A 187 -4.14 -1.02 -27.40
CA GLU A 187 -2.90 -1.72 -27.12
C GLU A 187 -1.72 -0.75 -27.17
N VAL A 188 -0.72 -1.07 -26.37
CA VAL A 188 0.41 -0.18 -26.17
C VAL A 188 1.69 -0.98 -26.19
N ASP A 189 2.80 -0.28 -26.19
CA ASP A 189 4.09 -0.93 -26.08
C ASP A 189 4.24 -1.27 -24.61
N ARG A 190 4.01 -2.53 -24.26
CA ARG A 190 3.77 -2.91 -22.87
C ARG A 190 4.92 -2.60 -21.92
N LYS A 191 6.14 -2.84 -22.36
CA LYS A 191 7.30 -2.66 -21.49
C LYS A 191 7.70 -1.20 -21.32
N GLU A 192 7.24 -0.35 -22.23
CA GLU A 192 7.63 1.07 -22.23
C GLU A 192 6.55 2.03 -21.77
N GLN A 193 5.31 1.69 -22.04
CA GLN A 193 4.21 2.63 -21.87
C GLN A 193 3.86 2.81 -20.39
N VAL A 194 3.96 4.04 -19.92
CA VAL A 194 3.57 4.37 -18.55
C VAL A 194 2.07 4.17 -18.36
N ALA A 195 1.72 3.43 -17.32
CA ALA A 195 0.35 3.19 -16.92
C ALA A 195 -0.03 4.07 -15.73
N LEU A 196 0.86 4.13 -14.74
CA LEU A 196 0.60 4.83 -13.49
C LEU A 196 1.82 5.60 -13.07
N ILE A 197 1.59 6.75 -12.44
CA ILE A 197 2.64 7.51 -11.79
C ILE A 197 2.24 7.55 -10.33
N MET A 198 3.04 6.87 -9.49
CA MET A 198 2.71 6.63 -8.09
C MET A 198 3.62 7.38 -7.13
N ASN A 199 3.12 7.61 -5.93
CA ASN A 199 3.94 8.20 -4.85
C ASN A 199 4.00 7.29 -3.64
N SER A 200 5.22 7.00 -3.22
CA SER A 200 5.44 6.31 -1.95
C SER A 200 4.97 7.13 -0.74
N SER A 201 4.72 6.43 0.35
CA SER A 201 4.43 7.07 1.62
C SER A 201 5.67 7.01 2.48
N GLY A 202 5.75 7.94 3.44
CA GLY A 202 6.84 7.97 4.40
C GLY A 202 8.21 8.37 3.88
N SER A 203 8.26 9.04 2.74
CA SER A 203 9.53 9.57 2.22
C SER A 203 10.01 10.70 3.16
N THR A 204 11.32 10.80 3.32
CA THR A 204 11.86 11.89 4.14
C THR A 204 11.86 13.21 3.36
N GLY A 205 11.88 13.11 2.03
CA GLY A 205 11.73 14.27 1.17
C GLY A 205 10.37 14.33 0.49
N LEU A 206 10.24 15.23 -0.47
CA LEU A 206 9.00 15.40 -1.22
C LEU A 206 8.77 14.19 -2.13
N PRO A 207 7.52 13.95 -2.50
CA PRO A 207 7.18 12.76 -3.29
C PRO A 207 7.86 12.76 -4.65
N LYS A 208 8.37 11.60 -5.04
CA LYS A 208 8.83 11.41 -6.42
C LYS A 208 7.75 10.68 -7.22
N GLY A 209 7.73 10.89 -8.53
CA GLY A 209 6.77 10.18 -9.37
C GLY A 209 7.37 8.87 -9.86
N VAL A 210 6.79 7.75 -9.41
CA VAL A 210 7.28 6.44 -9.80
C VAL A 210 6.51 5.98 -11.04
N GLN A 211 7.22 5.77 -12.13
CA GLN A 211 6.56 5.34 -13.38
C GLN A 211 6.46 3.84 -13.47
N LEU A 212 5.23 3.35 -13.50
CA LEU A 212 4.94 1.93 -13.64
C LEU A 212 4.33 1.69 -15.00
N THR A 213 4.71 0.58 -15.62
CA THR A 213 4.28 0.28 -16.99
C THR A 213 3.19 -0.77 -17.02
N HIS A 214 2.60 -0.96 -18.20
CA HIS A 214 1.67 -2.07 -18.37
C HIS A 214 2.30 -3.43 -18.10
N GLU A 215 3.56 -3.60 -18.46
CA GLU A 215 4.25 -4.87 -18.18
C GLU A 215 4.34 -5.12 -16.68
N ASN A 216 4.65 -4.07 -15.92
CA ASN A 216 4.65 -4.17 -14.46
C ASN A 216 3.31 -4.68 -13.91
N ILE A 217 2.22 -4.12 -14.45
CA ILE A 217 0.87 -4.40 -13.92
C ILE A 217 0.37 -5.79 -14.33
N VAL A 218 0.61 -6.18 -15.58
CA VAL A 218 0.18 -7.53 -15.95
C VAL A 218 0.95 -8.62 -15.25
N THR A 219 2.18 -8.31 -14.80
CA THR A 219 2.92 -9.22 -13.95
C THR A 219 2.19 -9.36 -12.61
N ARG A 220 1.80 -8.22 -12.04
CA ARG A 220 1.02 -8.23 -10.80
C ARG A 220 -0.23 -9.09 -10.95
N PHE A 221 -0.89 -9.00 -12.11
CA PHE A 221 -2.12 -9.75 -12.31
C PHE A 221 -1.91 -11.26 -12.19
N SER A 222 -0.73 -11.74 -12.60
CA SER A 222 -0.43 -13.17 -12.42
C SER A 222 -0.29 -13.50 -10.94
N HIS A 223 0.44 -12.68 -10.19
CA HIS A 223 0.58 -12.91 -8.76
C HIS A 223 -0.76 -12.88 -8.02
N ALA A 224 -1.62 -11.93 -8.38
CA ALA A 224 -2.83 -11.65 -7.61
C ALA A 224 -3.75 -12.85 -7.57
N ARG A 225 -3.79 -13.60 -8.67
CA ARG A 225 -4.66 -14.77 -8.80
C ARG A 225 -3.95 -16.08 -8.55
N ASP A 226 -2.68 -16.02 -8.14
CA ASP A 226 -1.88 -17.23 -8.03
C ASP A 226 -2.36 -18.09 -6.85
N PRO A 227 -2.45 -19.40 -7.03
CA PRO A 227 -2.91 -20.25 -5.94
C PRO A 227 -1.99 -20.28 -4.71
N ILE A 228 -0.70 -19.99 -4.90
CA ILE A 228 0.26 -19.96 -3.80
C ILE A 228 0.56 -18.54 -3.33
N TYR A 229 0.72 -17.62 -4.29
CA TYR A 229 1.18 -16.27 -3.96
C TYR A 229 0.09 -15.22 -4.00
N GLY A 230 -1.15 -15.63 -4.30
CA GLY A 230 -2.28 -14.71 -4.32
C GLY A 230 -3.53 -15.31 -3.72
N ASN A 231 -4.66 -14.97 -4.33
CA ASN A 231 -5.99 -15.46 -3.90
C ASN A 231 -6.70 -15.96 -5.15
N GLN A 232 -7.29 -17.15 -5.08
CA GLN A 232 -7.94 -17.73 -6.26
C GLN A 232 -9.32 -17.21 -6.56
N VAL A 233 -9.65 -17.19 -7.86
CA VAL A 233 -10.99 -16.89 -8.31
C VAL A 233 -11.96 -17.86 -7.62
N SER A 234 -13.03 -17.30 -7.02
CA SER A 234 -14.06 -18.09 -6.32
C SER A 234 -15.24 -17.16 -6.03
N PRO A 235 -16.36 -17.34 -6.72
CA PRO A 235 -17.53 -16.45 -6.52
C PRO A 235 -17.88 -16.33 -5.05
N GLY A 236 -18.24 -15.12 -4.63
CA GLY A 236 -18.62 -14.87 -3.24
C GLY A 236 -17.46 -14.45 -2.36
N THR A 237 -16.28 -14.27 -2.97
CA THR A 237 -15.15 -13.79 -2.20
C THR A 237 -15.38 -12.31 -1.96
N ALA A 238 -15.31 -11.90 -0.71
CA ALA A 238 -15.47 -10.51 -0.33
C ALA A 238 -14.28 -10.12 0.52
N VAL A 239 -13.55 -9.10 0.09
CA VAL A 239 -12.34 -8.66 0.77
C VAL A 239 -12.59 -7.35 1.45
N LEU A 240 -12.43 -7.32 2.77
CA LEU A 240 -12.49 -6.06 3.50
C LEU A 240 -11.13 -5.40 3.33
N THR A 241 -11.11 -4.20 2.76
CA THR A 241 -9.88 -3.47 2.59
C THR A 241 -9.93 -2.12 3.31
N VAL A 242 -8.84 -1.79 4.00
CA VAL A 242 -8.71 -0.50 4.67
C VAL A 242 -7.54 0.31 4.10
N VAL A 243 -6.95 -0.16 3.01
CA VAL A 243 -5.68 0.35 2.50
C VAL A 243 -5.90 1.55 1.55
N PRO A 244 -5.10 2.62 1.64
CA PRO A 244 -5.26 3.76 0.74
C PRO A 244 -5.15 3.36 -0.74
N PHE A 245 -6.18 3.69 -1.51
CA PHE A 245 -6.27 3.33 -2.91
C PHE A 245 -5.23 4.01 -3.81
N HIS A 246 -4.86 5.23 -3.46
CA HIS A 246 -3.91 5.99 -4.28
C HIS A 246 -2.52 5.38 -4.22
N HIS A 247 -2.25 4.61 -3.17
CA HIS A 247 -0.93 4.07 -2.87
C HIS A 247 -0.76 2.70 -3.54
N GLY A 248 0.47 2.31 -3.87
CA GLY A 248 0.70 1.01 -4.51
C GLY A 248 0.09 -0.16 -3.77
N PHE A 249 0.10 -0.12 -2.44
CA PHE A 249 -0.49 -1.21 -1.66
C PHE A 249 -2.00 -1.34 -1.98
N GLY A 250 -2.74 -0.23 -1.90
CA GLY A 250 -4.17 -0.25 -2.20
C GLY A 250 -4.48 -0.41 -3.68
N MET A 251 -3.64 0.20 -4.53
CA MET A 251 -3.86 0.14 -5.96
C MET A 251 -3.80 -1.28 -6.49
N PHE A 252 -2.72 -1.99 -6.16
CA PHE A 252 -2.46 -3.28 -6.79
C PHE A 252 -3.10 -4.46 -6.11
N THR A 253 -3.43 -4.32 -4.83
CA THR A 253 -4.33 -5.31 -4.25
C THR A 253 -5.72 -5.16 -4.86
N THR A 254 -6.25 -3.93 -4.96
CA THR A 254 -7.59 -3.73 -5.48
C THR A 254 -7.72 -4.12 -6.94
N LEU A 255 -6.79 -3.69 -7.78
CA LEU A 255 -6.86 -4.11 -9.18
C LEU A 255 -6.78 -5.63 -9.31
N GLY A 256 -5.90 -6.25 -8.53
CA GLY A 256 -5.85 -7.70 -8.47
C GLY A 256 -7.18 -8.34 -8.08
N TYR A 257 -7.87 -7.78 -7.10
CA TYR A 257 -9.16 -8.33 -6.67
C TYR A 257 -10.22 -8.24 -7.78
N LEU A 258 -10.15 -7.21 -8.63
CA LEU A 258 -11.04 -7.10 -9.79
C LEU A 258 -10.72 -8.17 -10.81
N ILE A 259 -9.43 -8.42 -11.06
CA ILE A 259 -9.07 -9.54 -11.92
C ILE A 259 -9.62 -10.86 -11.35
N CYS A 260 -9.66 -10.97 -10.02
CA CYS A 260 -10.11 -12.19 -9.34
C CYS A 260 -11.63 -12.32 -9.22
N GLY A 261 -12.37 -11.25 -9.53
CA GLY A 261 -13.81 -11.27 -9.44
C GLY A 261 -14.38 -11.03 -8.06
N PHE A 262 -13.57 -10.53 -7.14
CA PHE A 262 -13.98 -10.36 -5.75
C PHE A 262 -14.87 -9.14 -5.55
N ARG A 263 -15.62 -9.16 -4.47
CA ARG A 263 -16.34 -7.98 -4.00
C ARG A 263 -15.41 -7.19 -3.10
N VAL A 264 -15.04 -5.99 -3.54
CA VAL A 264 -14.11 -5.16 -2.76
C VAL A 264 -14.94 -4.36 -1.75
N VAL A 265 -14.82 -4.76 -0.48
CA VAL A 265 -15.58 -4.13 0.59
C VAL A 265 -14.69 -3.07 1.23
N MET A 266 -14.87 -1.85 0.78
CA MET A 266 -14.04 -0.71 1.17
C MET A 266 -14.52 -0.14 2.50
N LEU A 267 -13.67 -0.22 3.53
CA LEU A 267 -13.98 0.27 4.86
C LEU A 267 -13.09 1.47 5.19
N THR A 268 -13.74 2.60 5.46
CA THR A 268 -13.00 3.83 5.75
C THR A 268 -13.08 4.26 7.21
N LYS A 269 -13.86 3.53 8.01
CA LYS A 269 -13.95 3.80 9.45
C LYS A 269 -13.35 2.65 10.22
N PHE A 270 -12.49 2.94 11.20
CA PHE A 270 -11.66 1.89 11.77
C PHE A 270 -12.00 1.49 13.22
N ASP A 271 -13.15 1.91 13.72
CA ASP A 271 -13.56 1.51 15.07
C ASP A 271 -13.86 0.01 15.06
N GLU A 272 -13.66 -0.66 16.20
CA GLU A 272 -13.86 -2.11 16.29
C GLU A 272 -15.26 -2.56 15.86
N GLU A 273 -16.29 -1.83 16.27
CA GLU A 273 -17.66 -2.23 15.96
C GLU A 273 -17.92 -2.23 14.47
N THR A 274 -17.48 -1.17 13.79
CA THR A 274 -17.70 -1.08 12.36
C THR A 274 -16.88 -2.14 11.63
N PHE A 275 -15.65 -2.37 12.08
CA PHE A 275 -14.81 -3.41 11.47
C PHE A 275 -15.49 -4.78 11.54
N LEU A 276 -15.94 -5.15 12.75
CA LEU A 276 -16.51 -6.47 12.96
C LEU A 276 -17.88 -6.61 12.31
N LYS A 277 -18.69 -5.54 12.36
CA LYS A 277 -19.99 -5.56 11.69
C LYS A 277 -19.81 -5.75 10.18
N THR A 278 -18.79 -5.07 9.63
CA THR A 278 -18.47 -5.22 8.22
C THR A 278 -18.07 -6.65 7.85
N LEU A 279 -17.20 -7.25 8.66
CA LEU A 279 -16.81 -8.63 8.45
C LEU A 279 -18.04 -9.53 8.39
N GLN A 280 -18.93 -9.39 9.38
CA GLN A 280 -20.11 -10.23 9.43
C GLN A 280 -21.09 -9.96 8.29
N ASP A 281 -21.45 -8.69 8.11
CA ASP A 281 -22.61 -8.35 7.28
C ASP A 281 -22.36 -8.65 5.82
N TYR A 282 -21.10 -8.47 5.40
CA TYR A 282 -20.74 -8.74 4.01
C TYR A 282 -20.07 -10.11 3.83
N LYS A 283 -20.12 -10.93 4.88
CA LYS A 283 -19.59 -12.31 4.85
C LYS A 283 -18.17 -12.30 4.27
N CYS A 284 -17.35 -11.43 4.82
CA CYS A 284 -16.00 -11.22 4.29
C CYS A 284 -15.15 -12.46 4.48
N THR A 285 -14.50 -12.89 3.40
CA THR A 285 -13.63 -14.07 3.42
C THR A 285 -12.18 -13.67 3.70
N ASN A 286 -11.83 -12.44 3.33
CA ASN A 286 -10.46 -11.95 3.36
C ASN A 286 -10.44 -10.55 3.92
N VAL A 287 -9.34 -10.21 4.56
CA VAL A 287 -9.04 -8.85 4.97
C VAL A 287 -7.65 -8.49 4.48
N ILE A 288 -7.50 -7.24 4.05
CA ILE A 288 -6.19 -6.70 3.73
C ILE A 288 -6.01 -5.41 4.52
N LEU A 289 -4.91 -5.32 5.26
CA LEU A 289 -4.73 -4.14 6.09
C LEU A 289 -3.29 -3.75 6.26
N VAL A 290 -3.12 -2.57 6.84
CA VAL A 290 -1.84 -2.15 7.39
C VAL A 290 -1.82 -2.52 8.88
N PRO A 291 -0.68 -2.95 9.40
CA PRO A 291 -0.60 -3.49 10.77
C PRO A 291 -1.04 -2.57 11.90
N THR A 292 -1.15 -1.27 11.65
CA THR A 292 -1.70 -0.34 12.64
C THR A 292 -3.08 -0.78 13.16
N LEU A 293 -3.83 -1.51 12.33
CA LEU A 293 -5.17 -1.93 12.67
C LEU A 293 -5.24 -3.07 13.68
N PHE A 294 -4.13 -3.77 13.89
CA PHE A 294 -4.12 -4.93 14.79
C PHE A 294 -4.39 -4.58 16.26
N ALA A 295 -4.06 -3.35 16.65
CA ALA A 295 -4.23 -2.91 18.05
C ALA A 295 -5.66 -3.16 18.50
N ILE A 296 -6.61 -2.75 17.65
CA ILE A 296 -8.04 -2.91 17.92
C ILE A 296 -8.47 -4.38 18.01
N LEU A 297 -7.91 -5.21 17.13
CA LEU A 297 -8.30 -6.63 17.05
C LEU A 297 -7.84 -7.51 18.22
N ASN A 298 -6.64 -7.25 18.73
CA ASN A 298 -6.12 -8.00 19.86
C ASN A 298 -6.81 -7.63 21.19
N LYS A 299 -7.35 -6.41 21.24
CA LYS A 299 -8.00 -5.86 22.42
C LYS A 299 -9.51 -6.13 22.49
N SER A 300 -10.15 -6.34 21.35
CA SER A 300 -11.61 -6.39 21.30
C SER A 300 -12.22 -7.42 22.25
N GLU A 301 -13.28 -7.00 22.94
CA GLU A 301 -14.01 -7.91 23.80
C GLU A 301 -15.33 -8.35 23.16
N LEU A 302 -15.44 -8.08 21.86
CA LEU A 302 -16.70 -8.19 21.14
C LEU A 302 -16.78 -9.31 20.10
N LEU A 303 -15.71 -10.06 19.95
CA LEU A 303 -15.62 -11.01 18.84
C LEU A 303 -16.80 -11.99 18.74
N ASN A 304 -17.23 -12.58 19.84
CA ASN A 304 -18.27 -13.59 19.73
C ASN A 304 -19.70 -13.05 19.60
N LYS A 305 -19.83 -11.72 19.57
CA LYS A 305 -21.10 -11.06 19.26
C LYS A 305 -21.38 -11.07 17.74
N TYR A 306 -20.38 -11.48 16.95
CA TYR A 306 -20.48 -11.42 15.50
C TYR A 306 -20.22 -12.77 14.85
N ASP A 307 -20.90 -13.01 13.74
CA ASP A 307 -20.67 -14.21 12.95
C ASP A 307 -19.48 -13.95 12.03
N LEU A 308 -18.32 -14.46 12.42
CA LEU A 308 -17.05 -14.26 11.71
C LEU A 308 -16.60 -15.54 11.01
N SER A 309 -17.52 -16.48 10.88
CA SER A 309 -17.25 -17.79 10.31
C SER A 309 -16.80 -17.79 8.85
N ASN A 310 -17.06 -16.69 8.13
CA ASN A 310 -16.70 -16.62 6.73
C ASN A 310 -15.24 -16.22 6.53
N LEU A 311 -14.63 -15.62 7.56
CA LEU A 311 -13.28 -15.08 7.44
C LEU A 311 -12.25 -16.21 7.50
N VAL A 312 -11.48 -16.32 6.41
CA VAL A 312 -10.44 -17.35 6.30
C VAL A 312 -9.03 -16.82 6.15
N GLU A 313 -8.88 -15.51 5.92
CA GLU A 313 -7.53 -14.95 5.71
C GLU A 313 -7.44 -13.50 6.16
N ILE A 314 -6.41 -13.20 6.95
CA ILE A 314 -6.05 -11.82 7.25
C ILE A 314 -4.64 -11.61 6.73
N ALA A 315 -4.50 -10.60 5.88
CA ALA A 315 -3.23 -10.26 5.26
C ALA A 315 -2.82 -8.84 5.62
N SER A 316 -1.52 -8.69 5.87
CA SER A 316 -0.92 -7.43 6.30
C SER A 316 0.21 -7.01 5.36
N GLY A 317 0.38 -5.70 5.16
CA GLY A 317 1.50 -5.18 4.40
C GLY A 317 1.81 -3.74 4.76
N GLY A 318 2.88 -3.22 4.16
CA GLY A 318 3.21 -1.80 4.23
C GLY A 318 4.18 -1.39 5.33
N ALA A 319 4.23 -2.16 6.41
CA ALA A 319 4.99 -1.75 7.59
C ALA A 319 5.30 -2.97 8.40
N PRO A 320 6.32 -2.91 9.27
CA PRO A 320 6.64 -4.07 10.10
C PRO A 320 5.47 -4.52 10.94
N LEU A 321 5.25 -5.83 10.98
CA LEU A 321 4.22 -6.41 11.82
C LEU A 321 4.93 -7.16 12.96
N SER A 322 4.65 -6.77 14.19
CA SER A 322 5.18 -7.54 15.32
C SER A 322 4.70 -8.99 15.26
N LYS A 323 5.65 -9.90 15.32
CA LYS A 323 5.37 -11.34 15.24
C LYS A 323 4.33 -11.72 16.29
N GLU A 324 4.55 -11.27 17.52
CA GLU A 324 3.69 -11.62 18.65
C GLU A 324 2.30 -11.02 18.52
N VAL A 325 2.22 -9.78 18.05
CA VAL A 325 0.91 -9.15 17.83
C VAL A 325 0.14 -9.94 16.76
N GLY A 326 0.78 -10.23 15.65
CA GLY A 326 0.14 -10.96 14.55
C GLY A 326 -0.33 -12.33 15.01
N GLU A 327 0.52 -13.02 15.76
CA GLU A 327 0.16 -14.37 16.20
C GLU A 327 -1.01 -14.39 17.16
N ALA A 328 -1.11 -13.38 18.02
CA ALA A 328 -2.25 -13.27 18.93
C ALA A 328 -3.52 -13.04 18.13
N VAL A 329 -3.47 -12.15 17.14
CA VAL A 329 -4.66 -11.87 16.33
C VAL A 329 -5.09 -13.10 15.53
N ALA A 330 -4.15 -13.79 14.91
CA ALA A 330 -4.46 -15.04 14.20
C ALA A 330 -5.14 -16.02 15.15
N ARG A 331 -4.61 -16.13 16.38
CA ARG A 331 -5.19 -17.05 17.36
C ARG A 331 -6.64 -16.69 17.69
N ARG A 332 -6.90 -15.40 17.91
CA ARG A 332 -8.25 -14.90 18.25
C ARG A 332 -9.27 -15.19 17.17
N PHE A 333 -8.85 -15.05 15.92
CA PHE A 333 -9.74 -15.29 14.80
C PHE A 333 -9.71 -16.77 14.36
N ASN A 334 -9.00 -17.61 15.13
CA ASN A 334 -8.78 -19.03 14.82
C ASN A 334 -8.32 -19.25 13.38
N LEU A 335 -7.27 -18.53 13.00
CA LEU A 335 -6.60 -18.71 11.72
C LEU A 335 -5.17 -19.23 11.98
N PRO A 336 -4.58 -19.97 11.03
CA PRO A 336 -3.22 -20.48 11.19
C PRO A 336 -2.17 -19.39 11.40
N GLY A 337 -2.37 -18.24 10.78
CA GLY A 337 -1.40 -17.17 10.84
C GLY A 337 -1.88 -15.99 10.02
N VAL A 338 -1.19 -14.87 10.15
CA VAL A 338 -1.43 -13.68 9.33
C VAL A 338 -0.57 -13.81 8.07
N ARG A 339 -1.19 -13.69 6.90
CA ARG A 339 -0.42 -13.64 5.66
C ARG A 339 0.18 -12.26 5.50
N GLN A 340 1.29 -12.19 4.79
CA GLN A 340 1.96 -10.92 4.62
C GLN A 340 2.46 -10.73 3.20
N GLY A 341 2.52 -9.47 2.80
CA GLY A 341 3.25 -9.07 1.60
C GLY A 341 4.15 -7.89 1.90
N TYR A 342 5.27 -7.82 1.18
CA TYR A 342 6.25 -6.76 1.30
C TYR A 342 6.62 -6.30 -0.09
N GLY A 343 6.50 -5.00 -0.29
CA GLY A 343 6.93 -4.40 -1.54
C GLY A 343 7.19 -2.93 -1.39
N LEU A 344 7.60 -2.33 -2.49
CA LEU A 344 7.83 -0.90 -2.57
C LEU A 344 7.05 -0.32 -3.72
N THR A 345 6.75 0.98 -3.67
CA THR A 345 6.09 1.59 -4.83
C THR A 345 6.89 1.29 -6.12
N GLU A 346 8.21 1.34 -6.00
CA GLU A 346 9.11 1.13 -7.13
C GLU A 346 9.19 -0.34 -7.60
N THR A 347 8.61 -1.28 -6.83
CA THR A 347 8.47 -2.67 -7.32
C THR A 347 7.03 -3.02 -7.74
N THR A 348 6.21 -1.99 -7.97
CA THR A 348 4.78 -2.12 -8.29
C THR A 348 3.95 -2.61 -7.12
N SER A 349 4.21 -3.85 -6.73
CA SER A 349 3.46 -4.50 -5.67
C SER A 349 4.39 -5.33 -4.80
N ALA A 350 3.81 -6.25 -4.02
CA ALA A 350 4.60 -7.11 -3.16
C ALA A 350 5.48 -8.03 -3.98
N ILE A 351 6.77 -8.12 -3.60
CA ILE A 351 7.68 -9.06 -4.24
C ILE A 351 8.13 -10.16 -3.29
N ILE A 352 7.69 -10.09 -2.03
CA ILE A 352 7.87 -11.18 -1.07
C ILE A 352 6.51 -11.35 -0.43
N ILE A 353 5.94 -12.55 -0.53
CA ILE A 353 4.58 -12.82 -0.04
C ILE A 353 4.59 -14.19 0.66
N THR A 354 3.87 -14.32 1.77
CA THR A 354 3.74 -15.61 2.44
C THR A 354 3.00 -16.59 1.53
N PRO A 355 3.65 -17.68 1.13
CA PRO A 355 3.01 -18.66 0.24
C PRO A 355 1.99 -19.49 1.00
N GLU A 356 0.83 -19.68 0.39
CA GLU A 356 -0.16 -20.59 0.97
C GLU A 356 0.45 -22.01 1.14
N GLY A 357 0.37 -22.56 2.35
CA GLY A 357 0.86 -23.89 2.64
C GLY A 357 2.35 -24.01 2.98
N ASP A 358 3.03 -22.87 3.15
CA ASP A 358 4.47 -22.84 3.37
C ASP A 358 4.78 -21.75 4.40
N ASP A 359 4.32 -22.01 5.62
CA ASP A 359 4.36 -21.06 6.73
C ASP A 359 5.69 -21.09 7.47
N LYS A 360 6.04 -19.95 8.06
CA LYS A 360 7.17 -19.87 8.98
C LYS A 360 6.89 -18.74 9.98
N PRO A 361 6.88 -19.05 11.28
CA PRO A 361 6.65 -18.02 12.31
C PRO A 361 7.54 -16.79 12.12
N GLY A 362 6.93 -15.61 12.04
CA GLY A 362 7.65 -14.36 11.93
C GLY A 362 8.06 -13.93 10.53
N ALA A 363 7.95 -14.84 9.55
CA ALA A 363 8.46 -14.54 8.22
C ALA A 363 7.62 -13.54 7.42
N SER A 364 8.30 -12.75 6.62
CA SER A 364 7.63 -11.87 5.69
C SER A 364 7.08 -12.63 4.45
N GLY A 365 7.70 -13.77 4.09
CA GLY A 365 7.23 -14.61 3.01
C GLY A 365 8.37 -15.08 2.12
N LYS A 366 8.03 -15.44 0.89
CA LYS A 366 9.02 -15.91 -0.09
C LYS A 366 8.98 -15.08 -1.37
N VAL A 367 10.03 -15.15 -2.15
CA VAL A 367 10.16 -14.39 -3.39
C VAL A 367 9.09 -14.77 -4.40
N VAL A 368 8.37 -13.77 -4.91
CA VAL A 368 7.26 -14.03 -5.82
C VAL A 368 7.73 -14.58 -7.17
N PRO A 369 6.83 -15.27 -7.87
CA PRO A 369 7.17 -15.75 -9.22
C PRO A 369 7.75 -14.65 -10.10
N LEU A 370 8.78 -15.03 -10.86
CA LEU A 370 9.48 -14.17 -11.83
C LEU A 370 10.46 -13.18 -11.21
N PHE A 371 10.53 -13.15 -9.87
CA PHE A 371 11.48 -12.29 -9.17
C PHE A 371 12.71 -13.04 -8.65
N LYS A 372 13.73 -12.26 -8.32
CA LYS A 372 14.93 -12.73 -7.63
C LYS A 372 15.20 -11.75 -6.50
N ALA A 373 15.80 -12.26 -5.42
CA ALA A 373 16.16 -11.40 -4.30
C ALA A 373 17.50 -11.84 -3.74
N LYS A 374 18.22 -10.89 -3.17
CA LYS A 374 19.43 -11.20 -2.44
C LYS A 374 19.52 -10.26 -1.26
N VAL A 375 20.40 -10.59 -0.34
CA VAL A 375 20.70 -9.76 0.83
C VAL A 375 22.18 -9.42 0.73
N ILE A 376 22.50 -8.14 0.78
CA ILE A 376 23.89 -7.71 0.62
C ILE A 376 24.49 -7.13 1.89
N ASP A 377 25.79 -7.38 2.05
CA ASP A 377 26.54 -6.76 3.14
C ASP A 377 26.45 -5.24 3.02
N LEU A 378 26.17 -4.56 4.12
CA LEU A 378 25.97 -3.11 4.06
C LEU A 378 27.19 -2.32 3.58
N ASP A 379 28.38 -2.89 3.79
CA ASP A 379 29.62 -2.22 3.40
C ASP A 379 30.19 -2.67 2.07
N THR A 380 30.35 -3.99 1.89
CA THR A 380 30.98 -4.55 0.69
C THR A 380 30.02 -4.66 -0.51
N LYS A 381 28.72 -4.69 -0.20
CA LYS A 381 27.66 -4.84 -1.21
C LYS A 381 27.64 -6.25 -1.84
N LYS A 382 28.38 -7.17 -1.23
CA LYS A 382 28.42 -8.56 -1.70
C LYS A 382 27.27 -9.35 -1.10
N SER A 383 26.81 -10.35 -1.84
CA SER A 383 25.68 -11.17 -1.39
C SER A 383 26.00 -12.02 -0.17
N LEU A 384 24.95 -12.28 0.62
CA LEU A 384 25.07 -13.02 1.87
C LEU A 384 24.28 -14.32 1.86
N GLY A 385 24.75 -15.29 2.63
CA GLY A 385 24.03 -16.54 2.83
C GLY A 385 22.86 -16.36 3.78
N PRO A 386 22.20 -17.45 4.16
CA PRO A 386 21.05 -17.39 5.07
C PRO A 386 21.44 -16.91 6.47
N ASN A 387 20.46 -16.36 7.19
CA ASN A 387 20.64 -15.96 8.59
C ASN A 387 21.74 -14.92 8.76
N ARG A 388 21.85 -14.04 7.77
CA ARG A 388 22.78 -12.94 7.80
C ARG A 388 22.05 -11.69 7.39
N ARG A 389 22.05 -10.70 8.28
CA ARG A 389 21.32 -9.46 8.03
C ARG A 389 22.10 -8.55 7.09
N GLY A 390 21.36 -7.88 6.21
CA GLY A 390 21.95 -6.94 5.28
C GLY A 390 20.83 -6.27 4.50
N GLU A 391 21.16 -5.64 3.39
CA GLU A 391 20.15 -4.91 2.63
C GLU A 391 19.49 -5.81 1.60
N VAL A 392 18.16 -5.84 1.62
CA VAL A 392 17.43 -6.64 0.63
C VAL A 392 17.47 -5.94 -0.73
N CYS A 393 17.83 -6.70 -1.76
CA CYS A 393 17.84 -6.20 -3.14
C CYS A 393 16.97 -7.12 -3.97
N VAL A 394 16.25 -6.56 -4.95
CA VAL A 394 15.36 -7.37 -5.78
C VAL A 394 15.48 -7.01 -7.26
N LYS A 395 15.07 -7.95 -8.09
CA LYS A 395 15.13 -7.77 -9.54
C LYS A 395 14.00 -8.59 -10.18
N GLY A 396 13.34 -8.03 -11.18
CA GLY A 396 12.23 -8.71 -11.83
C GLY A 396 11.32 -7.75 -12.55
N PRO A 397 10.33 -8.27 -13.26
CA PRO A 397 9.56 -7.47 -14.23
C PRO A 397 8.52 -6.51 -13.67
N MET A 398 8.46 -6.36 -12.36
CA MET A 398 7.69 -5.28 -11.75
C MET A 398 8.54 -4.09 -11.33
N LEU A 399 9.84 -4.10 -11.64
CA LEU A 399 10.65 -2.92 -11.38
C LEU A 399 10.16 -1.76 -12.21
N MET A 400 10.00 -0.61 -11.57
CA MET A 400 9.54 0.62 -12.24
C MET A 400 10.41 0.97 -13.44
N LYS A 401 9.83 1.74 -14.34
CA LYS A 401 10.56 2.32 -15.47
C LYS A 401 11.61 3.33 -14.99
N GLY A 402 11.32 4.05 -13.92
CA GLY A 402 12.20 5.06 -13.36
C GLY A 402 11.37 6.18 -12.77
N TYR A 403 12.00 7.04 -11.97
CA TYR A 403 11.27 8.22 -11.50
C TYR A 403 11.07 9.19 -12.65
N VAL A 404 10.01 9.98 -12.57
CA VAL A 404 9.75 11.04 -13.55
C VAL A 404 10.80 12.13 -13.38
N ASN A 405 11.53 12.43 -14.46
CA ASN A 405 12.45 13.57 -14.47
C ASN A 405 13.39 13.59 -13.23
N ASN A 406 13.91 12.43 -12.87
CA ASN A 406 14.88 12.34 -11.78
C ASN A 406 15.84 11.17 -11.99
N PRO A 407 16.70 11.29 -12.99
CA PRO A 407 17.63 10.21 -13.31
C PRO A 407 18.62 9.90 -12.19
N GLU A 408 19.01 10.90 -11.41
CA GLU A 408 19.93 10.67 -10.30
C GLU A 408 19.32 9.75 -9.25
N ALA A 409 18.06 9.99 -8.91
CA ALA A 409 17.39 9.16 -7.92
C ALA A 409 17.21 7.73 -8.45
N THR A 410 16.91 7.61 -9.73
CA THR A 410 16.78 6.28 -10.34
C THR A 410 18.09 5.49 -10.23
N LYS A 411 19.19 6.15 -10.55
CA LYS A 411 20.53 5.56 -10.51
C LYS A 411 20.94 5.11 -9.11
N GLU A 412 20.52 5.89 -8.11
CA GLU A 412 20.82 5.56 -6.72
C GLU A 412 20.06 4.31 -6.26
N LEU A 413 18.84 4.13 -6.77
CA LEU A 413 17.99 3.02 -6.35
C LEU A 413 18.28 1.70 -7.09
N ILE A 414 18.45 1.80 -8.40
CA ILE A 414 18.63 0.60 -9.22
C ILE A 414 20.06 0.63 -9.74
N ASP A 415 20.86 -0.34 -9.32
CA ASP A 415 22.29 -0.30 -9.58
C ASP A 415 22.67 -0.73 -10.99
N GLU A 416 23.98 -0.74 -11.25
CA GLU A 416 24.51 -0.95 -12.59
C GLU A 416 24.30 -2.38 -13.08
N GLU A 417 23.92 -3.26 -12.17
CA GLU A 417 23.64 -4.66 -12.49
C GLU A 417 22.14 -4.93 -12.50
N GLY A 418 21.33 -3.87 -12.43
CA GLY A 418 19.88 -3.97 -12.50
C GLY A 418 19.19 -4.36 -11.20
N TRP A 419 19.90 -4.37 -10.07
CA TRP A 419 19.27 -4.69 -8.78
C TRP A 419 18.73 -3.45 -8.11
N LEU A 420 17.48 -3.57 -7.64
CA LEU A 420 16.88 -2.50 -6.87
C LEU A 420 17.27 -2.69 -5.40
N HIS A 421 17.87 -1.64 -4.84
CA HIS A 421 18.27 -1.60 -3.44
C HIS A 421 17.11 -1.05 -2.64
N THR A 422 16.49 -1.91 -1.83
CA THR A 422 15.25 -1.51 -1.15
C THR A 422 15.40 -0.51 -0.05
N GLY A 423 16.60 -0.40 0.51
CA GLY A 423 16.80 0.41 1.71
C GLY A 423 16.32 -0.29 2.97
N ASP A 424 15.94 -1.56 2.87
CA ASP A 424 15.48 -2.31 4.03
C ASP A 424 16.48 -3.35 4.50
N ILE A 425 16.57 -3.51 5.82
CA ILE A 425 17.34 -4.60 6.41
C ILE A 425 16.50 -5.85 6.51
N GLY A 426 17.08 -6.99 6.16
CA GLY A 426 16.41 -8.25 6.34
C GLY A 426 17.39 -9.38 6.22
N TYR A 427 16.83 -10.59 6.24
CA TYR A 427 17.60 -11.81 6.05
C TYR A 427 16.67 -12.89 5.53
N TYR A 428 17.23 -13.99 5.05
CA TYR A 428 16.40 -15.13 4.69
C TYR A 428 16.93 -16.34 5.46
N ASP A 429 16.04 -17.26 5.80
CA ASP A 429 16.47 -18.46 6.52
C ASP A 429 16.82 -19.60 5.58
N GLU A 430 17.13 -20.77 6.15
CA GLU A 430 17.61 -21.90 5.36
C GLU A 430 16.58 -22.37 4.32
N GLU A 431 15.31 -22.16 4.62
CA GLU A 431 14.22 -22.57 3.74
C GLU A 431 13.82 -21.43 2.77
N LYS A 432 14.57 -20.32 2.80
CA LYS A 432 14.36 -19.16 1.92
C LYS A 432 13.19 -18.28 2.31
N HIS A 433 12.70 -18.40 3.55
CA HIS A 433 11.73 -17.42 4.04
C HIS A 433 12.48 -16.15 4.38
N PHE A 434 11.95 -15.03 3.89
CA PHE A 434 12.54 -13.72 4.15
C PHE A 434 11.89 -13.06 5.34
N PHE A 435 12.72 -12.34 6.10
CA PHE A 435 12.28 -11.56 7.25
C PHE A 435 12.74 -10.14 7.01
N ILE A 436 11.79 -9.21 6.94
CA ILE A 436 12.11 -7.81 6.80
C ILE A 436 12.05 -7.17 8.17
N VAL A 437 13.18 -6.61 8.57
CA VAL A 437 13.36 -6.09 9.91
C VAL A 437 12.87 -4.64 10.06
N ASP A 438 13.46 -3.73 9.28
CA ASP A 438 13.12 -2.31 9.33
C ASP A 438 13.89 -1.64 8.23
N ARG A 439 13.73 -0.33 8.11
CA ARG A 439 14.46 0.46 7.15
C ARG A 439 15.85 0.75 7.66
N LEU A 440 16.83 0.68 6.75
CA LEU A 440 18.20 1.05 7.06
C LEU A 440 18.30 2.44 7.67
N LYS A 441 17.56 3.40 7.10
CA LYS A 441 17.62 4.81 7.54
C LYS A 441 17.10 4.99 8.96
N SER A 442 16.36 4.00 9.46
CA SER A 442 15.76 4.08 10.79
C SER A 442 16.62 3.48 11.89
N LEU A 443 17.66 2.73 11.52
CA LEU A 443 18.50 2.07 12.52
C LEU A 443 19.14 3.09 13.46
N ILE A 444 19.08 2.78 14.75
CA ILE A 444 19.57 3.70 15.77
C ILE A 444 21.01 3.33 16.08
N LYS A 445 21.89 4.30 15.85
CA LYS A 445 23.33 4.06 15.97
C LYS A 445 23.77 4.33 17.40
N TYR A 446 23.46 3.39 18.28
CA TYR A 446 23.87 3.43 19.67
C TYR A 446 25.24 2.78 19.79
N LYS A 447 26.26 3.58 20.10
CA LYS A 447 27.64 3.07 20.07
C LYS A 447 27.85 2.34 18.73
N GLY A 448 28.38 1.12 18.76
CA GLY A 448 28.58 0.36 17.54
C GLY A 448 27.40 -0.49 17.11
N TYR A 449 26.29 -0.42 17.86
CA TYR A 449 25.08 -1.16 17.51
C TYR A 449 24.26 -0.43 16.44
N GLN A 450 23.42 -1.19 15.75
CA GLN A 450 22.47 -0.61 14.82
C GLN A 450 21.11 -1.18 15.20
N VAL A 451 20.41 -0.48 16.09
CA VAL A 451 19.19 -1.00 16.73
C VAL A 451 17.97 -0.71 15.85
N PRO A 452 17.24 -1.75 15.44
CA PRO A 452 16.03 -1.52 14.64
C PRO A 452 14.83 -1.06 15.49
N PRO A 453 14.28 0.11 15.23
CA PRO A 453 13.10 0.56 15.99
C PRO A 453 11.98 -0.47 16.02
N ALA A 454 11.76 -1.20 14.93
CA ALA A 454 10.63 -2.14 14.90
C ALA A 454 10.73 -3.19 16.00
N GLU A 455 11.95 -3.54 16.39
CA GLU A 455 12.10 -4.57 17.44
C GLU A 455 11.65 -4.04 18.80
N LEU A 456 11.95 -2.76 19.06
CA LEU A 456 11.51 -2.09 20.29
C LEU A 456 10.01 -1.77 20.23
N GLU A 457 9.55 -1.33 19.06
CA GLU A 457 8.12 -1.10 18.89
C GLU A 457 7.31 -2.36 19.18
N SER A 458 7.78 -3.51 18.71
CA SER A 458 7.11 -4.77 18.99
C SER A 458 6.94 -4.99 20.49
N VAL A 459 8.03 -4.80 21.25
CA VAL A 459 7.96 -4.97 22.70
C VAL A 459 6.94 -4.01 23.32
N LEU A 460 6.95 -2.76 22.86
CA LEU A 460 6.03 -1.77 23.39
C LEU A 460 4.58 -2.12 23.08
N LEU A 461 4.30 -2.50 21.84
CA LEU A 461 2.93 -2.83 21.43
C LEU A 461 2.38 -4.02 22.19
N GLN A 462 3.26 -4.92 22.61
CA GLN A 462 2.84 -6.10 23.36
C GLN A 462 2.37 -5.77 24.78
N HIS A 463 2.69 -4.58 25.28
CA HIS A 463 2.23 -4.20 26.61
C HIS A 463 0.74 -3.89 26.57
N PRO A 464 -0.04 -4.45 27.51
CA PRO A 464 -1.50 -4.26 27.45
C PRO A 464 -1.99 -2.83 27.69
N SER A 465 -1.14 -1.96 28.25
CA SER A 465 -1.50 -0.55 28.50
C SER A 465 -1.03 0.38 27.38
N ILE A 466 -0.33 -0.18 26.39
CA ILE A 466 0.22 0.63 25.29
C ILE A 466 -0.55 0.35 24.02
N PHE A 467 -1.25 1.36 23.55
CA PHE A 467 -2.02 1.26 22.33
C PHE A 467 -1.13 1.31 21.06
N ASP A 468 -0.17 2.22 21.04
CA ASP A 468 0.69 2.43 19.87
C ASP A 468 2.02 2.98 20.35
N ALA A 469 3.05 2.81 19.53
CA ALA A 469 4.39 3.31 19.85
C ALA A 469 5.20 3.51 18.59
N GLY A 470 6.14 4.46 18.66
CA GLY A 470 7.13 4.63 17.61
C GLY A 470 8.46 4.96 18.28
N VAL A 471 9.54 4.45 17.70
CA VAL A 471 10.86 4.55 18.29
C VAL A 471 11.80 5.25 17.30
N ALA A 472 12.64 6.14 17.83
CA ALA A 472 13.68 6.79 17.04
C ALA A 472 14.88 7.13 17.94
N GLY A 473 15.93 7.68 17.34
CA GLY A 473 17.18 7.93 18.04
C GLY A 473 17.35 9.37 18.50
N VAL A 474 17.71 9.54 19.76
CA VAL A 474 17.96 10.85 20.36
C VAL A 474 19.47 11.12 20.25
N PRO A 475 19.91 12.26 19.67
CA PRO A 475 21.35 12.51 19.56
C PRO A 475 22.03 12.49 20.91
N ASP A 476 23.24 11.94 20.95
CA ASP A 476 23.98 11.83 22.19
C ASP A 476 25.47 12.02 21.91
N PRO A 477 26.14 12.97 22.54
CA PRO A 477 27.59 13.15 22.28
C PRO A 477 28.47 11.90 22.46
N VAL A 478 28.25 11.09 23.49
CA VAL A 478 29.12 9.93 23.72
C VAL A 478 28.74 8.74 22.83
N ALA A 479 27.45 8.41 22.80
CA ALA A 479 26.99 7.16 22.18
C ALA A 479 26.47 7.34 20.76
N GLY A 480 26.38 8.57 20.27
CA GLY A 480 25.86 8.82 18.93
C GLY A 480 24.36 9.05 18.95
N GLU A 481 23.60 7.99 19.20
CA GLU A 481 22.15 8.06 19.27
C GLU A 481 21.65 7.15 20.38
N LEU A 482 20.61 7.58 21.09
CA LEU A 482 19.96 6.76 22.12
C LEU A 482 18.58 6.39 21.70
N PRO A 483 18.17 5.13 21.84
CA PRO A 483 16.79 4.79 21.52
C PRO A 483 15.79 5.49 22.46
N GLY A 484 14.78 6.11 21.88
CA GLY A 484 13.70 6.74 22.62
C GLY A 484 12.37 6.38 22.02
N ALA A 485 11.30 6.55 22.79
CA ALA A 485 9.98 6.13 22.34
C ALA A 485 8.93 7.18 22.54
N VAL A 486 8.00 7.25 21.60
CA VAL A 486 6.77 7.99 21.80
C VAL A 486 5.67 6.93 21.94
N VAL A 487 4.83 7.10 22.95
CA VAL A 487 3.86 6.07 23.33
C VAL A 487 2.46 6.67 23.42
N VAL A 488 1.47 5.94 22.88
CA VAL A 488 0.06 6.28 23.11
C VAL A 488 -0.49 5.24 24.09
N LEU A 489 -0.94 5.70 25.26
CA LEU A 489 -1.52 4.81 26.25
C LEU A 489 -2.93 4.39 25.90
N GLU A 490 -3.31 3.17 26.30
CA GLU A 490 -4.69 2.73 26.15
C GLU A 490 -5.59 3.61 27.03
N SER A 491 -6.82 3.80 26.57
CA SER A 491 -7.83 4.54 27.34
C SER A 491 -7.93 3.99 28.77
N GLY A 492 -7.87 4.89 29.75
CA GLY A 492 -7.98 4.52 31.16
C GLY A 492 -6.72 4.00 31.82
N LYS A 493 -5.65 3.86 31.04
CA LYS A 493 -4.41 3.30 31.56
C LYS A 493 -3.37 4.40 31.69
N ASN A 494 -2.49 4.25 32.67
CA ASN A 494 -1.32 5.10 32.80
C ASN A 494 -0.05 4.29 33.03
N MET A 495 1.03 4.78 32.44
CA MET A 495 2.38 4.32 32.72
C MET A 495 3.23 5.57 32.80
N THR A 496 4.19 5.60 33.72
CA THR A 496 5.19 6.67 33.75
C THR A 496 6.31 6.34 32.75
N GLU A 497 7.13 7.34 32.46
CA GLU A 497 8.34 7.10 31.66
C GLU A 497 9.17 5.97 32.25
N LYS A 498 9.37 5.98 33.57
CA LYS A 498 10.18 4.95 34.22
C LYS A 498 9.55 3.57 34.07
N GLU A 499 8.22 3.48 34.21
CA GLU A 499 7.52 2.21 34.07
C GLU A 499 7.72 1.62 32.68
N VAL A 500 7.61 2.47 31.65
CA VAL A 500 7.83 2.02 30.27
C VAL A 500 9.28 1.58 30.07
N MET A 501 10.25 2.40 30.53
CA MET A 501 11.67 2.07 30.37
C MET A 501 12.03 0.77 31.09
N ASP A 502 11.53 0.61 32.32
CA ASP A 502 11.81 -0.59 33.09
C ASP A 502 11.18 -1.83 32.46
N TYR A 503 9.98 -1.68 31.93
CA TYR A 503 9.32 -2.76 31.21
C TYR A 503 10.17 -3.21 30.01
N VAL A 504 10.58 -2.25 29.19
CA VAL A 504 11.38 -2.56 28.03
C VAL A 504 12.69 -3.22 28.45
N ALA A 505 13.34 -2.68 29.47
CA ALA A 505 14.62 -3.21 29.96
C ALA A 505 14.51 -4.67 30.39
N SER A 506 13.32 -5.06 30.85
CA SER A 506 13.07 -6.45 31.27
C SER A 506 12.95 -7.41 30.11
N GLN A 507 12.78 -6.89 28.89
CA GLN A 507 12.47 -7.69 27.71
C GLN A 507 13.56 -7.66 26.64
N VAL A 508 14.51 -6.73 26.74
CA VAL A 508 15.50 -6.54 25.67
C VAL A 508 16.93 -6.49 26.18
N SER A 509 17.87 -6.61 25.25
CA SER A 509 19.30 -6.47 25.49
C SER A 509 19.65 -5.10 26.08
N ASN A 510 20.84 -5.01 26.66
CA ASN A 510 21.30 -3.72 27.19
C ASN A 510 21.28 -2.62 26.13
N ALA A 511 21.78 -2.93 24.93
CA ALA A 511 21.87 -1.97 23.84
C ALA A 511 20.55 -1.34 23.44
N LYS A 512 19.47 -2.10 23.63
CA LYS A 512 18.15 -1.68 23.19
C LYS A 512 17.35 -0.90 24.24
N ARG A 513 17.92 -0.66 25.42
CA ARG A 513 17.21 0.14 26.43
C ARG A 513 16.85 1.54 25.90
N LEU A 514 15.70 2.05 26.34
CA LEU A 514 15.21 3.36 25.91
C LEU A 514 15.94 4.49 26.67
N ARG A 515 17.26 4.56 26.48
CA ARG A 515 18.05 5.58 27.16
C ARG A 515 17.67 7.00 26.75
N GLY A 516 17.03 7.14 25.58
CA GLY A 516 16.55 8.42 25.11
C GLY A 516 15.21 8.84 25.70
N GLY A 517 14.66 8.01 26.58
CA GLY A 517 13.42 8.35 27.26
C GLY A 517 12.14 8.02 26.53
N VAL A 518 11.04 8.43 27.14
CA VAL A 518 9.69 8.17 26.65
C VAL A 518 8.86 9.44 26.73
N ARG A 519 8.10 9.71 25.67
CA ARG A 519 7.11 10.78 25.67
C ARG A 519 5.76 10.19 25.33
N PHE A 520 4.73 10.73 25.97
CA PHE A 520 3.37 10.26 25.79
C PHE A 520 2.60 11.26 24.93
N VAL A 521 1.89 10.72 23.94
CA VAL A 521 1.19 11.54 22.95
C VAL A 521 -0.18 10.93 22.66
N ASP A 522 -1.00 11.63 21.90
CA ASP A 522 -2.28 11.09 21.44
C ASP A 522 -2.16 10.25 20.17
N GLU A 523 -1.18 10.57 19.33
CA GLU A 523 -0.99 9.87 18.05
C GLU A 523 0.50 9.74 17.76
N VAL A 524 0.92 8.53 17.41
CA VAL A 524 2.30 8.30 16.96
C VAL A 524 2.43 8.82 15.53
N PRO A 525 3.40 9.69 15.25
CA PRO A 525 3.58 10.17 13.87
C PRO A 525 3.97 9.04 12.92
N LYS A 526 3.13 8.86 11.91
CA LYS A 526 3.28 7.80 10.94
C LYS A 526 2.81 8.30 9.57
N GLY A 527 3.31 7.69 8.51
CA GLY A 527 2.82 7.99 7.18
C GLY A 527 1.54 7.22 6.87
N LEU A 528 1.12 7.34 5.61
CA LEU A 528 -0.18 6.86 5.18
C LEU A 528 -0.32 5.34 5.18
N THR A 529 0.79 4.60 5.15
CA THR A 529 0.69 3.13 5.27
C THR A 529 1.46 2.62 6.49
N GLY A 530 1.54 3.45 7.54
CA GLY A 530 1.92 2.94 8.85
C GLY A 530 3.38 2.99 9.22
N LYS A 531 4.24 3.53 8.36
CA LYS A 531 5.67 3.56 8.69
C LYS A 531 5.93 4.74 9.62
N ILE A 532 6.77 4.52 10.61
CA ILE A 532 7.09 5.55 11.60
C ILE A 532 7.79 6.75 10.96
N ASP A 533 7.36 7.94 11.37
CA ASP A 533 7.99 9.19 10.95
C ASP A 533 9.09 9.53 11.94
N GLY A 534 10.31 9.12 11.64
CA GLY A 534 11.43 9.25 12.56
C GLY A 534 11.76 10.70 12.87
N ARG A 535 11.70 11.56 11.85
CA ARG A 535 11.98 12.99 12.06
C ARG A 535 11.00 13.58 13.08
N ALA A 536 9.72 13.25 12.91
CA ALA A 536 8.71 13.75 13.82
C ALA A 536 8.88 13.19 15.22
N ILE A 537 9.24 11.92 15.35
CA ILE A 537 9.50 11.34 16.67
C ILE A 537 10.69 12.04 17.33
N ARG A 538 11.76 12.25 16.57
CA ARG A 538 12.95 12.89 17.12
C ARG A 538 12.62 14.29 17.64
N GLU A 539 11.75 15.00 16.92
CA GLU A 539 11.32 16.33 17.34
C GLU A 539 10.56 16.28 18.68
N ILE A 540 9.67 15.30 18.85
CA ILE A 540 8.93 15.16 20.09
C ILE A 540 9.86 14.82 21.26
N LEU A 541 10.79 13.90 21.02
CA LEU A 541 11.72 13.47 22.06
C LEU A 541 12.66 14.60 22.51
N LYS A 542 12.92 15.55 21.61
CA LYS A 542 13.81 16.69 21.87
C LYS A 542 13.19 17.70 22.83
N LYS A 543 11.88 17.89 22.72
CA LYS A 543 11.16 18.78 23.63
C LYS A 543 11.17 18.23 25.06
N PRO A 544 11.53 19.07 26.03
CA PRO A 544 11.45 18.68 27.44
C PRO A 544 10.02 18.44 27.90
N VAL A 545 9.84 17.55 28.86
CA VAL A 545 8.52 17.25 29.42
C VAL A 545 7.99 18.44 30.20
#